data_8JJO
#
_entry.id   8JJO
#
_cell.length_a   1.00
_cell.length_b   1.00
_cell.length_c   1.00
_cell.angle_alpha   90.00
_cell.angle_beta   90.00
_cell.angle_gamma   90.00
#
_symmetry.space_group_name_H-M   'P 1'
#
loop_
_entity.id
_entity.type
_entity.pdbx_description
1 polymer 'Beta-2 adrenergic receptor,Beta-2 adrenergic receptor,Soluble cytochrome b562'
2 non-polymer (2S)-1-[(1-methylethyl)amino]-3-(2-prop-2-en-1-ylphenoxy)propan-2-ol
#
_entity_poly.entity_id   1
_entity_poly.type   'polypeptide(L)'
_entity_poly.pdbx_seq_one_letter_code
;MKTIIALSYIFCLVFADYKDDDDKDEVWVVGMGIVMSLIVLAIVFGNVLVITAIAKFERLQTVTNYFITSLACADLVMGL
AVVPFGAAHILMKMWTFGNFWCEFWTSIDVLCVTASIETLCVIAVDRYFAITSPFKYQSLLTKNKARVIILMVWIVSGLT
SFLPIQMHWYRATHQEAINCYAEETCCDFFTNQAYAIASSIVSFYVPLVIMVFVYSRVFQEAKRQLADLEDNWETLNDNL
KVIEKADNAAQVKDALTKMRAAALDAQKASGSGSPEMKDFRHGFDILVGQIDDALKLANEGKVKEAQAAAEQLKTTRNAY
IQKYLKFCLKEHKALKTLGIIMGTFTLCWLPFFIVNIVHVIQDNLIRKEVYILLNWIGYVNSGFNPLIYSRSPDFRIAFQ
ELLKIAALKEKIAALKEKIAALKEAEEKRASRLEEELRRRLTEGSHHHHHHHH
;
_entity_poly.pdbx_strand_id   F
#
loop_
_chem_comp.id
_chem_comp.type
_chem_comp.name
_chem_comp.formula
JTZ non-polymer (2S)-1-[(1-methylethyl)amino]-3-(2-prop-2-en-1-ylphenoxy)propan-2-ol 'C15 H23 N O2'
#
# COMPACT_ATOMS: atom_id res chain seq x y z
N ASP A 25 0.94 -37.90 -17.24
CA ASP A 25 0.70 -38.15 -15.82
C ASP A 25 2.00 -38.04 -15.04
N GLU A 26 3.05 -38.71 -15.53
CA GLU A 26 4.32 -38.70 -14.82
C GLU A 26 4.93 -37.29 -14.75
N VAL A 27 4.86 -36.56 -15.86
CA VAL A 27 5.44 -35.21 -15.89
C VAL A 27 4.62 -34.26 -15.04
N TRP A 28 3.29 -34.36 -15.10
CA TRP A 28 2.43 -33.41 -14.40
C TRP A 28 2.56 -33.56 -12.89
N VAL A 29 2.57 -34.79 -12.38
CA VAL A 29 2.56 -35.02 -10.94
C VAL A 29 3.82 -34.48 -10.28
N VAL A 30 4.91 -34.39 -11.03
CA VAL A 30 6.14 -33.84 -10.47
C VAL A 30 6.27 -32.35 -10.75
N GLY A 31 5.85 -31.89 -11.94
CA GLY A 31 5.94 -30.47 -12.23
C GLY A 31 5.04 -29.63 -11.35
N MET A 32 3.79 -30.07 -11.17
CA MET A 32 2.88 -29.36 -10.29
C MET A 32 3.39 -29.35 -8.86
N GLY A 33 3.92 -30.48 -8.39
CA GLY A 33 4.46 -30.54 -7.04
C GLY A 33 5.63 -29.59 -6.86
N ILE A 34 6.53 -29.55 -7.84
CA ILE A 34 7.67 -28.64 -7.76
C ILE A 34 7.20 -27.19 -7.75
N VAL A 35 6.23 -26.85 -8.61
CA VAL A 35 5.74 -25.47 -8.69
C VAL A 35 5.11 -25.06 -7.37
N MET A 36 4.23 -25.91 -6.81
CA MET A 36 3.58 -25.58 -5.56
C MET A 36 4.57 -25.48 -4.41
N SER A 37 5.54 -26.39 -4.34
CA SER A 37 6.53 -26.34 -3.27
C SER A 37 7.38 -25.08 -3.37
N LEU A 38 7.81 -24.72 -4.59
CA LEU A 38 8.60 -23.51 -4.76
C LEU A 38 7.78 -22.29 -4.37
N ILE A 39 6.49 -22.27 -4.70
CA ILE A 39 5.62 -21.18 -4.30
C ILE A 39 5.51 -21.11 -2.78
N VAL A 40 5.36 -22.27 -2.13
CA VAL A 40 5.28 -22.28 -0.66
C VAL A 40 6.52 -21.67 -0.05
N LEU A 41 7.70 -22.13 -0.48
CA LEU A 41 8.94 -21.60 0.08
C LEU A 41 9.11 -20.12 -0.23
N ALA A 42 8.75 -19.69 -1.44
CA ALA A 42 8.86 -18.28 -1.77
C ALA A 42 7.98 -17.43 -0.88
N ILE A 43 6.72 -17.85 -0.69
CA ILE A 43 5.80 -17.09 0.15
C ILE A 43 6.31 -17.01 1.57
N VAL A 44 6.70 -18.16 2.14
CA VAL A 44 7.15 -18.17 3.53
C VAL A 44 8.39 -17.31 3.70
N PHE A 45 9.37 -17.47 2.80
CA PHE A 45 10.63 -16.73 2.92
C PHE A 45 10.39 -15.23 2.80
N GLY A 46 9.63 -14.80 1.78
CA GLY A 46 9.40 -13.38 1.60
C GLY A 46 8.62 -12.76 2.74
N ASN A 47 7.54 -13.41 3.18
CA ASN A 47 6.74 -12.84 4.25
C ASN A 47 7.48 -12.86 5.57
N VAL A 48 8.31 -13.88 5.82
CA VAL A 48 9.11 -13.90 7.03
C VAL A 48 10.11 -12.75 7.02
N LEU A 49 10.75 -12.51 5.88
CA LEU A 49 11.67 -11.38 5.81
C LEU A 49 10.95 -10.05 6.02
N VAL A 50 9.77 -9.89 5.41
CA VAL A 50 9.04 -8.63 5.57
C VAL A 50 8.64 -8.41 7.03
N ILE A 51 8.16 -9.47 7.69
CA ILE A 51 7.78 -9.35 9.10
C ILE A 51 9.00 -9.05 9.95
N THR A 52 10.11 -9.75 9.71
CA THR A 52 11.31 -9.59 10.52
C THR A 52 11.90 -8.19 10.38
N ALA A 53 11.87 -7.63 9.18
CA ALA A 53 12.43 -6.30 8.97
C ALA A 53 11.70 -5.26 9.82
N ILE A 54 10.38 -5.34 9.90
CA ILE A 54 9.63 -4.42 10.74
C ILE A 54 9.83 -4.74 12.21
N ALA A 55 9.84 -6.03 12.56
CA ALA A 55 9.83 -6.43 13.96
C ALA A 55 11.19 -6.28 14.64
N LYS A 56 12.29 -6.21 13.89
CA LYS A 56 13.61 -6.13 14.48
C LYS A 56 14.28 -4.76 14.30
N PHE A 57 14.11 -4.13 13.14
CA PHE A 57 14.75 -2.85 12.88
C PHE A 57 13.97 -1.72 13.54
N GLU A 58 14.65 -0.59 13.72
CA GLU A 58 14.05 0.60 14.30
C GLU A 58 13.83 1.72 13.29
N ARG A 59 14.58 1.74 12.18
CA ARG A 59 14.41 2.79 11.18
C ARG A 59 13.02 2.73 10.55
N LEU A 60 12.53 1.53 10.28
CA LEU A 60 11.22 1.33 9.66
C LEU A 60 10.30 0.68 10.69
N GLN A 61 9.69 1.51 11.53
CA GLN A 61 8.76 1.05 12.56
C GLN A 61 7.74 2.17 12.76
N THR A 62 6.62 2.06 12.05
CA THR A 62 5.60 3.11 12.08
C THR A 62 4.23 2.48 11.86
N VAL A 63 3.20 3.33 11.84
CA VAL A 63 1.84 2.85 11.68
C VAL A 63 1.64 2.20 10.31
N THR A 64 2.14 2.83 9.25
CA THR A 64 2.06 2.23 7.93
C THR A 64 2.80 0.91 7.88
N ASN A 65 3.98 0.86 8.49
CA ASN A 65 4.70 -0.40 8.59
C ASN A 65 4.00 -1.41 9.49
N TYR A 66 3.25 -0.97 10.51
CA TYR A 66 2.45 -1.91 11.28
C TYR A 66 1.35 -2.55 10.42
N PHE A 67 0.69 -1.74 9.59
CA PHE A 67 -0.29 -2.29 8.67
C PHE A 67 0.35 -3.23 7.66
N ILE A 68 1.56 -2.87 7.19
CA ILE A 68 2.30 -3.75 6.29
C ILE A 68 2.60 -5.07 7.00
N THR A 69 2.94 -5.02 8.29
CA THR A 69 3.20 -6.24 9.04
C THR A 69 1.94 -7.08 9.17
N SER A 70 0.79 -6.43 9.38
CA SER A 70 -0.47 -7.17 9.44
C SER A 70 -0.76 -7.87 8.11
N LEU A 71 -0.56 -7.16 7.01
CA LEU A 71 -0.77 -7.76 5.69
C LEU A 71 0.19 -8.92 5.45
N ALA A 72 1.45 -8.75 5.84
CA ALA A 72 2.43 -9.80 5.66
C ALA A 72 2.10 -11.01 6.53
N CYS A 73 1.60 -10.78 7.74
CA CYS A 73 1.19 -11.90 8.60
C CYS A 73 0.00 -12.65 8.01
N ALA A 74 -0.97 -11.91 7.46
CA ALA A 74 -2.10 -12.56 6.80
C ALA A 74 -1.64 -13.42 5.62
N ASP A 75 -0.75 -12.87 4.79
CA ASP A 75 -0.24 -13.63 3.65
C ASP A 75 0.63 -14.80 4.10
N LEU A 76 1.35 -14.66 5.21
CA LEU A 76 2.12 -15.77 5.76
C LEU A 76 1.21 -16.88 6.23
N VAL A 77 0.10 -16.54 6.88
CA VAL A 77 -0.88 -17.56 7.27
C VAL A 77 -1.45 -18.23 6.04
N MET A 78 -1.69 -17.46 4.97
CA MET A 78 -2.15 -18.04 3.72
C MET A 78 -1.13 -19.03 3.16
N GLY A 79 0.15 -18.66 3.21
CA GLY A 79 1.19 -19.54 2.67
C GLY A 79 1.50 -20.73 3.55
N LEU A 80 1.17 -20.67 4.83
CA LEU A 80 1.40 -21.78 5.75
C LEU A 80 0.23 -22.76 5.79
N ALA A 81 -0.95 -22.28 6.16
CA ALA A 81 -2.08 -23.15 6.45
C ALA A 81 -3.13 -23.19 5.35
N VAL A 82 -2.86 -22.60 4.19
CA VAL A 82 -3.82 -22.63 3.10
C VAL A 82 -3.20 -23.19 1.83
N VAL A 83 -2.09 -22.59 1.40
CA VAL A 83 -1.49 -22.97 0.12
C VAL A 83 -1.04 -24.42 0.10
N PRO A 84 -0.26 -24.91 1.08
CA PRO A 84 0.17 -26.33 1.01
C PRO A 84 -0.98 -27.32 1.02
N PHE A 85 -2.03 -27.06 1.79
CA PHE A 85 -3.14 -28.00 1.85
C PHE A 85 -3.91 -28.03 0.54
N GLY A 86 -4.13 -26.86 -0.06
CA GLY A 86 -4.76 -26.83 -1.38
C GLY A 86 -3.90 -27.51 -2.43
N ALA A 87 -2.59 -27.31 -2.36
CA ALA A 87 -1.69 -27.98 -3.28
C ALA A 87 -1.75 -29.49 -3.12
N ALA A 88 -1.79 -29.99 -1.88
CA ALA A 88 -1.91 -31.42 -1.65
C ALA A 88 -3.24 -31.95 -2.16
N HIS A 89 -4.33 -31.20 -1.94
CA HIS A 89 -5.64 -31.64 -2.39
C HIS A 89 -5.71 -31.71 -3.91
N ILE A 90 -5.17 -30.70 -4.60
CA ILE A 90 -5.20 -30.74 -6.06
C ILE A 90 -4.23 -31.78 -6.61
N LEU A 91 -3.11 -32.02 -5.92
CA LEU A 91 -2.14 -33.02 -6.37
C LEU A 91 -2.64 -34.43 -6.12
N MET A 92 -3.23 -34.69 -4.96
CA MET A 92 -3.73 -36.01 -4.63
C MET A 92 -5.11 -36.21 -5.27
N LYS A 93 -5.78 -37.30 -4.93
CA LYS A 93 -7.09 -37.61 -5.48
C LYS A 93 -8.23 -37.16 -4.58
N MET A 94 -8.01 -37.05 -3.28
CA MET A 94 -9.07 -36.69 -2.34
C MET A 94 -8.42 -36.17 -1.07
N TRP A 95 -9.26 -35.65 -0.17
CA TRP A 95 -8.79 -35.15 1.11
C TRP A 95 -8.21 -36.27 1.95
N THR A 96 -7.41 -35.89 2.95
CA THR A 96 -6.75 -36.86 3.81
C THR A 96 -6.86 -36.56 5.30
N PHE A 97 -7.11 -35.30 5.69
CA PHE A 97 -7.09 -34.91 7.09
C PHE A 97 -8.43 -35.09 7.79
N GLY A 98 -9.45 -35.57 7.10
CA GLY A 98 -10.74 -35.84 7.69
C GLY A 98 -11.78 -34.81 7.28
N ASN A 99 -13.02 -35.09 7.69
CA ASN A 99 -14.11 -34.14 7.44
C ASN A 99 -13.85 -32.83 8.16
N PHE A 100 -13.39 -32.90 9.41
CA PHE A 100 -12.90 -31.71 10.08
C PHE A 100 -11.49 -31.40 9.60
N TRP A 101 -10.96 -30.26 10.07
CA TRP A 101 -9.71 -29.68 9.58
C TRP A 101 -9.84 -29.35 8.10
N CYS A 102 -11.06 -29.45 7.58
CA CYS A 102 -11.41 -28.93 6.26
C CYS A 102 -12.32 -27.72 6.36
N GLU A 103 -13.22 -27.68 7.35
CA GLU A 103 -13.92 -26.45 7.67
C GLU A 103 -12.93 -25.39 8.17
N PHE A 104 -11.97 -25.79 9.00
CA PHE A 104 -10.95 -24.85 9.46
C PHE A 104 -10.08 -24.38 8.31
N TRP A 105 -9.74 -25.27 7.39
CA TRP A 105 -8.91 -24.88 6.25
C TRP A 105 -9.62 -23.84 5.40
N THR A 106 -10.89 -24.08 5.07
CA THR A 106 -11.64 -23.12 4.29
C THR A 106 -11.85 -21.81 5.05
N SER A 107 -12.11 -21.90 6.35
CA SER A 107 -12.28 -20.70 7.16
C SER A 107 -11.02 -19.85 7.16
N ILE A 108 -9.86 -20.48 7.33
CA ILE A 108 -8.60 -19.73 7.34
C ILE A 108 -8.31 -19.18 5.95
N ASP A 109 -8.65 -19.94 4.91
CA ASP A 109 -8.50 -19.46 3.54
C ASP A 109 -9.28 -18.18 3.30
N VAL A 110 -10.56 -18.16 3.69
CA VAL A 110 -11.37 -16.96 3.48
C VAL A 110 -10.90 -15.83 4.40
N LEU A 111 -10.47 -16.17 5.62
CA LEU A 111 -10.02 -15.16 6.56
C LEU A 111 -8.78 -14.44 6.06
N CYS A 112 -7.84 -15.17 5.45
CA CYS A 112 -6.63 -14.54 4.94
C CYS A 112 -6.95 -13.52 3.86
N VAL A 113 -7.82 -13.89 2.91
CA VAL A 113 -8.19 -12.96 1.85
C VAL A 113 -8.90 -11.74 2.42
N THR A 114 -9.84 -11.96 3.34
CA THR A 114 -10.60 -10.83 3.89
C THR A 114 -9.70 -9.89 4.68
N ALA A 115 -8.84 -10.45 5.53
CA ALA A 115 -7.93 -9.64 6.33
C ALA A 115 -6.80 -9.05 5.50
N SER A 116 -6.58 -9.52 4.28
CA SER A 116 -5.65 -8.85 3.39
C SER A 116 -6.31 -7.66 2.70
N ILE A 117 -7.50 -7.86 2.15
CA ILE A 117 -8.15 -6.77 1.42
C ILE A 117 -8.57 -5.66 2.37
N GLU A 118 -9.07 -6.00 3.56
CA GLU A 118 -9.45 -4.96 4.50
C GLU A 118 -8.22 -4.24 5.07
N THR A 119 -7.11 -4.95 5.25
CA THR A 119 -5.87 -4.28 5.65
C THR A 119 -5.39 -3.34 4.56
N LEU A 120 -5.55 -3.72 3.29
CA LEU A 120 -5.20 -2.81 2.21
C LEU A 120 -6.09 -1.57 2.22
N CYS A 121 -7.39 -1.75 2.50
CA CYS A 121 -8.28 -0.60 2.61
C CYS A 121 -7.87 0.31 3.77
N VAL A 122 -7.48 -0.29 4.89
CA VAL A 122 -6.99 0.49 6.04
C VAL A 122 -5.72 1.25 5.67
N ILE A 123 -4.85 0.61 4.88
CA ILE A 123 -3.63 1.29 4.43
C ILE A 123 -3.97 2.49 3.56
N ALA A 124 -4.92 2.33 2.64
CA ALA A 124 -5.32 3.47 1.81
C ALA A 124 -5.92 4.58 2.65
N VAL A 125 -6.77 4.24 3.62
CA VAL A 125 -7.34 5.26 4.49
C VAL A 125 -6.26 5.96 5.29
N ASP A 126 -5.27 5.20 5.78
CA ASP A 126 -4.18 5.79 6.53
C ASP A 126 -3.36 6.76 5.68
N ARG A 127 -3.04 6.36 4.45
CA ARG A 127 -2.29 7.24 3.57
C ARG A 127 -3.14 8.41 3.08
N TYR A 128 -4.45 8.36 3.23
CA TYR A 128 -5.28 9.54 3.08
C TYR A 128 -5.29 10.44 4.31
N PHE A 129 -5.21 9.87 5.50
CA PHE A 129 -5.24 10.64 6.74
C PHE A 129 -3.89 11.22 7.09
N ALA A 130 -2.83 10.91 6.33
CA ALA A 130 -1.51 11.46 6.56
C ALA A 130 -1.03 12.36 5.43
N ILE A 131 -1.85 12.57 4.40
CA ILE A 131 -1.49 13.47 3.32
C ILE A 131 -2.50 14.62 3.30
N THR A 132 -3.72 14.36 3.73
CA THR A 132 -4.76 15.37 3.75
C THR A 132 -4.67 16.27 4.98
N SER A 133 -4.67 15.68 6.17
CA SER A 133 -4.68 16.41 7.43
C SER A 133 -3.55 15.91 8.32
N PRO A 134 -2.33 16.39 8.11
CA PRO A 134 -1.24 16.06 9.03
C PRO A 134 -1.44 16.74 10.38
N PHE A 135 -0.46 16.57 11.28
CA PHE A 135 -0.50 17.12 12.64
C PHE A 135 -1.56 16.42 13.49
N LYS A 136 -2.33 15.53 12.86
CA LYS A 136 -3.26 14.65 13.55
C LYS A 136 -2.90 13.19 13.42
N TYR A 137 -2.35 12.78 12.27
CA TYR A 137 -1.84 11.42 12.10
C TYR A 137 -0.66 11.14 13.03
N GLN A 138 0.07 12.17 13.45
CA GLN A 138 1.16 12.01 14.40
C GLN A 138 0.72 12.19 15.85
N SER A 139 -0.55 12.54 16.08
CA SER A 139 -1.07 12.72 17.43
C SER A 139 -2.16 11.72 17.80
N LEU A 140 -2.94 11.23 16.84
CA LEU A 140 -3.98 10.24 17.07
C LEU A 140 -3.56 8.85 16.63
N LEU A 141 -3.01 8.73 15.42
CA LEU A 141 -2.58 7.44 14.88
C LEU A 141 -1.24 7.05 15.50
N THR A 142 -1.30 6.66 16.76
CA THR A 142 -0.13 6.16 17.47
C THR A 142 -0.04 4.65 17.32
N LYS A 143 0.97 4.05 17.97
CA LYS A 143 1.14 2.60 17.91
C LYS A 143 -0.06 1.88 18.52
N ASN A 144 -0.57 2.40 19.64
CA ASN A 144 -1.73 1.79 20.28
C ASN A 144 -2.95 1.84 19.36
N LYS A 145 -3.17 2.98 18.71
CA LYS A 145 -4.30 3.10 17.79
C LYS A 145 -4.13 2.18 16.58
N ALA A 146 -2.90 2.04 16.07
CA ALA A 146 -2.67 1.12 14.98
C ALA A 146 -2.96 -0.32 15.39
N ARG A 147 -2.53 -0.70 16.60
CA ARG A 147 -2.84 -2.03 17.10
C ARG A 147 -4.35 -2.23 17.23
N VAL A 148 -5.06 -1.22 17.73
CA VAL A 148 -6.50 -1.30 17.85
C VAL A 148 -7.15 -1.47 16.49
N ILE A 149 -6.67 -0.72 15.49
CA ILE A 149 -7.27 -0.81 14.16
C ILE A 149 -7.03 -2.17 13.53
N ILE A 150 -5.81 -2.70 13.63
CA ILE A 150 -5.54 -4.00 13.02
C ILE A 150 -6.32 -5.10 13.77
N LEU A 151 -6.45 -4.97 15.09
CA LEU A 151 -7.26 -5.94 15.83
C LEU A 151 -8.72 -5.88 15.40
N MET A 152 -9.24 -4.66 15.20
CA MET A 152 -10.62 -4.52 14.75
C MET A 152 -10.80 -5.14 13.37
N VAL A 153 -9.83 -4.93 12.47
CA VAL A 153 -9.92 -5.52 11.14
C VAL A 153 -9.91 -7.03 11.22
N TRP A 154 -9.03 -7.59 12.05
CA TRP A 154 -8.94 -9.04 12.15
C TRP A 154 -10.20 -9.64 12.77
N ILE A 155 -10.76 -8.99 13.80
CA ILE A 155 -12.00 -9.49 14.39
C ILE A 155 -13.16 -9.40 13.42
N VAL A 156 -13.24 -8.30 12.65
CA VAL A 156 -14.32 -8.18 11.67
C VAL A 156 -14.20 -9.27 10.60
N SER A 157 -12.98 -9.49 10.12
CA SER A 157 -12.76 -10.54 9.12
C SER A 157 -13.08 -11.91 9.69
N GLY A 158 -12.68 -12.17 10.94
CA GLY A 158 -13.02 -13.44 11.56
C GLY A 158 -14.51 -13.64 11.70
N LEU A 159 -15.22 -12.59 12.12
CA LEU A 159 -16.67 -12.67 12.27
C LEU A 159 -17.37 -12.90 10.94
N THR A 160 -16.88 -12.30 9.85
CA THR A 160 -17.51 -12.49 8.55
C THR A 160 -16.95 -13.69 7.79
N SER A 161 -15.95 -14.37 8.33
CA SER A 161 -15.32 -15.50 7.65
C SER A 161 -15.59 -16.83 8.35
N PHE A 162 -15.22 -16.96 9.62
CA PHE A 162 -15.36 -18.24 10.31
C PHE A 162 -16.81 -18.59 10.55
N LEU A 163 -17.59 -17.64 11.06
CA LEU A 163 -18.96 -17.95 11.47
C LEU A 163 -19.81 -18.53 10.35
N PRO A 164 -19.85 -17.96 9.13
CA PRO A 164 -20.62 -18.63 8.07
C PRO A 164 -20.11 -20.03 7.73
N ILE A 165 -18.79 -20.24 7.76
CA ILE A 165 -18.25 -21.54 7.40
C ILE A 165 -18.52 -22.57 8.50
N GLN A 166 -18.33 -22.17 9.77
CA GLN A 166 -18.48 -23.10 10.88
C GLN A 166 -19.90 -23.57 11.11
N MET A 167 -20.89 -23.20 10.31
CA MET A 167 -22.24 -23.72 10.50
C MET A 167 -22.93 -23.75 9.13
N HIS A 168 -24.25 -23.88 9.14
CA HIS A 168 -25.00 -24.31 7.97
C HIS A 168 -25.22 -23.21 6.92
N TRP A 169 -24.52 -22.09 6.99
CA TRP A 169 -24.77 -21.03 6.02
C TRP A 169 -24.17 -21.34 4.66
N TYR A 170 -22.99 -21.97 4.63
CA TYR A 170 -22.31 -22.22 3.37
C TYR A 170 -22.76 -23.51 2.70
N ARG A 171 -23.65 -24.27 3.32
CA ARG A 171 -24.13 -25.51 2.71
C ARG A 171 -24.97 -25.22 1.47
N ALA A 172 -24.83 -26.08 0.47
CA ALA A 172 -25.54 -25.93 -0.79
C ALA A 172 -26.92 -26.58 -0.71
N THR A 173 -27.87 -25.97 -1.40
CA THR A 173 -29.26 -26.43 -1.38
C THR A 173 -29.57 -27.39 -2.54
N HIS A 174 -28.75 -28.42 -2.68
CA HIS A 174 -28.98 -29.44 -3.71
C HIS A 174 -28.24 -30.71 -3.31
N GLN A 175 -28.76 -31.85 -3.79
CA GLN A 175 -28.39 -33.15 -3.23
C GLN A 175 -27.13 -33.76 -3.84
N GLU A 176 -26.62 -33.21 -4.95
CA GLU A 176 -25.42 -33.80 -5.53
C GLU A 176 -24.20 -33.50 -4.66
N ALA A 177 -24.17 -32.31 -4.06
CA ALA A 177 -23.04 -31.91 -3.23
C ALA A 177 -23.08 -32.56 -1.86
N ILE A 178 -24.27 -32.89 -1.34
CA ILE A 178 -24.40 -33.38 0.03
C ILE A 178 -23.59 -34.65 0.23
N ASN A 179 -23.30 -35.38 -0.85
CA ASN A 179 -22.42 -36.54 -0.75
C ASN A 179 -21.02 -36.11 -0.36
N CYS A 180 -20.59 -34.93 -0.80
CA CYS A 180 -19.24 -34.43 -0.52
C CYS A 180 -19.16 -33.62 0.76
N TYR A 181 -20.27 -33.39 1.46
CA TYR A 181 -20.24 -32.73 2.76
C TYR A 181 -20.06 -33.71 3.92
N ALA A 182 -20.10 -35.02 3.65
CA ALA A 182 -20.00 -36.02 4.71
C ALA A 182 -19.31 -37.25 4.13
N GLU A 183 -19.45 -38.38 4.83
CA GLU A 183 -18.94 -39.69 4.41
C GLU A 183 -17.45 -39.66 4.06
N GLU A 184 -16.73 -38.65 4.56
CA GLU A 184 -15.29 -38.54 4.38
C GLU A 184 -14.93 -38.49 2.89
N THR A 185 -15.51 -37.53 2.19
CA THR A 185 -15.24 -37.30 0.76
C THR A 185 -15.29 -35.81 0.48
N CYS A 186 -14.44 -35.36 -0.44
CA CYS A 186 -14.49 -34.02 -1.02
C CYS A 186 -14.14 -32.91 -0.02
N CYS A 187 -13.61 -31.81 -0.54
CA CYS A 187 -13.52 -30.56 0.22
C CYS A 187 -13.78 -29.36 -0.67
N ASP A 188 -14.46 -29.55 -1.80
CA ASP A 188 -14.75 -28.45 -2.69
C ASP A 188 -15.79 -27.53 -2.07
N PHE A 189 -15.70 -26.24 -2.40
CA PHE A 189 -16.53 -25.23 -1.73
C PHE A 189 -18.02 -25.49 -1.91
N PHE A 190 -18.45 -25.77 -3.14
CA PHE A 190 -19.87 -26.00 -3.45
C PHE A 190 -20.71 -24.80 -3.01
N THR A 191 -20.47 -23.67 -3.67
CA THR A 191 -21.10 -22.42 -3.28
C THR A 191 -22.62 -22.49 -3.41
N ASN A 192 -23.30 -22.02 -2.37
CA ASN A 192 -24.73 -21.74 -2.45
C ASN A 192 -24.93 -20.28 -2.82
N GLN A 193 -26.05 -19.99 -3.49
CA GLN A 193 -26.24 -18.68 -4.11
C GLN A 193 -26.14 -17.55 -3.10
N ALA A 194 -26.91 -17.65 -2.01
CA ALA A 194 -26.99 -16.55 -1.05
C ALA A 194 -25.63 -16.28 -0.41
N TYR A 195 -24.99 -17.33 0.12
CA TYR A 195 -23.70 -17.12 0.77
C TYR A 195 -22.64 -16.67 -0.22
N ALA A 196 -22.64 -17.23 -1.44
CA ALA A 196 -21.65 -16.83 -2.42
C ALA A 196 -21.77 -15.34 -2.73
N ILE A 197 -22.99 -14.88 -3.01
CA ILE A 197 -23.17 -13.45 -3.32
C ILE A 197 -22.81 -12.59 -2.11
N ALA A 198 -23.27 -12.98 -0.92
CA ALA A 198 -23.04 -12.16 0.26
C ALA A 198 -21.55 -12.05 0.57
N SER A 199 -20.82 -13.16 0.47
CA SER A 199 -19.39 -13.12 0.77
C SER A 199 -18.62 -12.38 -0.32
N SER A 200 -18.95 -12.61 -1.59
CA SER A 200 -18.26 -11.91 -2.66
C SER A 200 -18.52 -10.41 -2.62
N ILE A 201 -19.63 -9.99 -2.03
CA ILE A 201 -19.90 -8.56 -1.91
C ILE A 201 -19.24 -7.98 -0.68
N VAL A 202 -19.50 -8.56 0.49
CA VAL A 202 -19.03 -7.98 1.75
C VAL A 202 -17.51 -8.10 1.87
N SER A 203 -16.97 -9.28 1.58
CA SER A 203 -15.56 -9.53 1.87
C SER A 203 -14.64 -8.85 0.86
N PHE A 204 -15.01 -8.86 -0.43
CA PHE A 204 -14.11 -8.38 -1.47
C PHE A 204 -14.63 -7.15 -2.20
N TYR A 205 -15.85 -7.21 -2.73
CA TYR A 205 -16.34 -6.13 -3.59
C TYR A 205 -16.62 -4.84 -2.83
N VAL A 206 -16.92 -4.91 -1.54
CA VAL A 206 -17.12 -3.70 -0.75
C VAL A 206 -15.77 -3.06 -0.44
N PRO A 207 -14.79 -3.79 0.12
CA PRO A 207 -13.47 -3.15 0.33
C PRO A 207 -12.79 -2.72 -0.95
N LEU A 208 -13.03 -3.40 -2.07
CA LEU A 208 -12.35 -3.03 -3.32
C LEU A 208 -12.90 -1.76 -3.94
N VAL A 209 -14.02 -1.25 -3.46
CA VAL A 209 -14.56 0.02 -3.97
C VAL A 209 -14.11 1.19 -3.11
N ILE A 210 -14.24 1.05 -1.78
CA ILE A 210 -13.72 2.06 -0.87
C ILE A 210 -12.21 2.21 -1.06
N MET A 211 -11.52 1.08 -1.18
CA MET A 211 -10.08 1.07 -1.44
C MET A 211 -9.72 1.88 -2.67
N VAL A 212 -10.37 1.58 -3.81
CA VAL A 212 -10.02 2.24 -5.07
C VAL A 212 -10.36 3.72 -5.00
N PHE A 213 -11.53 4.06 -4.46
CA PHE A 213 -11.91 5.47 -4.38
C PHE A 213 -10.95 6.25 -3.49
N VAL A 214 -10.61 5.70 -2.33
CA VAL A 214 -9.72 6.39 -1.40
C VAL A 214 -8.34 6.57 -2.01
N TYR A 215 -7.81 5.53 -2.66
CA TYR A 215 -6.48 5.65 -3.22
C TYR A 215 -6.45 6.58 -4.43
N SER A 216 -7.52 6.59 -5.23
CA SER A 216 -7.59 7.55 -6.32
C SER A 216 -7.67 8.98 -5.80
N ARG A 217 -8.40 9.20 -4.70
CA ARG A 217 -8.39 10.51 -4.07
C ARG A 217 -7.01 10.88 -3.55
N VAL A 218 -6.28 9.90 -2.99
CA VAL A 218 -4.93 10.15 -2.51
C VAL A 218 -4.03 10.60 -3.66
N PHE A 219 -4.11 9.91 -4.80
CA PHE A 219 -3.32 10.32 -5.95
C PHE A 219 -3.77 11.66 -6.52
N GLN A 220 -5.07 11.95 -6.46
CA GLN A 220 -5.55 13.24 -6.95
C GLN A 220 -5.13 14.39 -6.04
N GLU A 221 -4.90 14.11 -4.75
CA GLU A 221 -4.54 15.15 -3.79
C GLU A 221 -3.03 15.32 -3.67
N ALA A 222 -2.26 14.24 -3.83
CA ALA A 222 -0.82 14.30 -3.71
C ALA A 222 -0.21 15.22 -4.76
N LYS A 223 -0.75 15.17 -5.97
CA LYS A 223 -0.31 16.06 -7.05
C LYS A 223 -0.57 17.51 -6.68
N ARG A 224 -1.68 17.76 -5.99
CA ARG A 224 -2.02 19.14 -5.61
C ARG A 224 -1.00 19.71 -4.64
N GLN A 225 -0.60 18.93 -3.63
CA GLN A 225 0.40 19.41 -2.68
C GLN A 225 1.73 19.66 -3.37
N LEU A 226 2.12 18.76 -4.28
CA LEU A 226 3.33 18.99 -5.06
C LEU A 226 3.19 20.22 -5.94
N ALA A 227 2.02 20.41 -6.54
CA ALA A 227 1.79 21.59 -7.37
C ALA A 227 1.84 22.87 -6.55
N ASP A 228 1.31 22.83 -5.32
CA ASP A 228 1.33 24.01 -4.46
C ASP A 228 2.77 24.43 -4.13
N LEU A 229 3.62 23.45 -3.85
CA LEU A 229 5.03 23.76 -3.58
C LEU A 229 5.77 24.13 -4.85
N GLU A 230 5.43 23.50 -5.98
CA GLU A 230 6.12 23.78 -7.22
C GLU A 230 5.89 25.21 -7.68
N ASP A 231 4.65 25.70 -7.59
CA ASP A 231 4.38 27.08 -8.00
C ASP A 231 4.94 28.10 -7.02
N ASN A 232 5.02 27.76 -5.73
CA ASN A 232 5.69 28.64 -4.78
C ASN A 232 7.16 28.80 -5.12
N TRP A 233 7.75 27.77 -5.71
CA TRP A 233 9.11 27.82 -6.22
C TRP A 233 9.17 28.20 -7.69
N GLU A 234 8.02 28.55 -8.28
CA GLU A 234 8.00 29.21 -9.58
C GLU A 234 7.96 30.73 -9.43
N THR A 235 7.17 31.23 -8.47
CA THR A 235 7.05 32.67 -8.27
C THR A 235 8.33 33.27 -7.73
N LEU A 236 9.35 32.45 -7.53
CA LEU A 236 10.69 32.91 -7.17
C LEU A 236 11.65 32.90 -8.33
N ASN A 237 11.56 31.91 -9.23
CA ASN A 237 12.49 31.83 -10.35
C ASN A 237 12.28 32.98 -11.34
N ASP A 238 11.04 33.22 -11.76
CA ASP A 238 10.77 34.33 -12.65
C ASP A 238 10.97 35.67 -11.93
N ASN A 239 10.75 35.70 -10.62
CA ASN A 239 11.08 36.90 -9.84
C ASN A 239 12.57 37.17 -9.89
N LEU A 240 13.39 36.14 -9.71
CA LEU A 240 14.84 36.31 -9.70
C LEU A 240 15.37 36.56 -11.11
N LYS A 241 14.86 35.82 -12.10
CA LYS A 241 15.44 35.85 -13.43
C LYS A 241 15.14 37.17 -14.14
N VAL A 242 13.97 37.74 -13.91
CA VAL A 242 13.51 38.88 -14.71
C VAL A 242 13.82 40.20 -14.03
N ILE A 243 13.49 40.35 -12.75
CA ILE A 243 13.49 41.67 -12.12
C ILE A 243 14.85 42.01 -11.53
N GLU A 244 15.53 41.04 -10.91
CA GLU A 244 16.77 41.34 -10.20
C GLU A 244 17.82 41.95 -11.13
N LYS A 245 18.14 41.26 -12.22
CA LYS A 245 19.20 41.74 -13.10
C LYS A 245 18.67 42.56 -14.27
N ALA A 246 17.81 43.55 -14.00
CA ALA A 246 17.41 44.49 -15.05
C ALA A 246 17.80 45.92 -14.72
N ASP A 247 17.22 46.52 -13.68
CA ASP A 247 17.42 47.93 -13.35
C ASP A 247 16.59 48.33 -12.14
N ASN A 248 16.68 49.59 -11.73
CA ASN A 248 15.68 50.24 -10.87
C ASN A 248 15.50 49.49 -9.55
N ALA A 249 16.52 49.60 -8.71
CA ALA A 249 16.55 48.98 -7.39
C ALA A 249 15.22 49.10 -6.65
N ALA A 250 14.44 50.13 -6.97
CA ALA A 250 13.10 50.24 -6.40
C ALA A 250 12.27 48.99 -6.65
N GLN A 251 12.26 48.47 -7.89
CA GLN A 251 11.50 47.25 -8.14
C GLN A 251 12.22 46.02 -7.58
N VAL A 252 13.53 46.13 -7.34
CA VAL A 252 14.23 45.06 -6.64
C VAL A 252 13.65 44.86 -5.25
N LYS A 253 13.25 45.96 -4.61
CA LYS A 253 12.46 45.83 -3.38
C LYS A 253 11.16 45.08 -3.62
N ASP A 254 10.46 45.41 -4.71
CA ASP A 254 9.19 44.76 -5.00
C ASP A 254 9.39 43.26 -5.25
N ALA A 255 10.42 42.91 -6.01
CA ALA A 255 10.71 41.49 -6.24
C ALA A 255 11.12 40.80 -4.95
N LEU A 256 11.98 41.44 -4.16
CA LEU A 256 12.41 40.84 -2.90
C LEU A 256 11.28 40.79 -1.88
N THR A 257 10.41 41.81 -1.87
CA THR A 257 9.24 41.75 -1.00
C THR A 257 8.35 40.58 -1.37
N LYS A 258 8.14 40.37 -2.68
CA LYS A 258 7.43 39.18 -3.14
C LYS A 258 8.22 37.92 -2.82
N MET A 259 9.55 37.98 -2.96
CA MET A 259 10.39 36.82 -2.69
C MET A 259 10.29 36.39 -1.23
N ARG A 260 10.31 37.35 -0.30
CA ARG A 260 10.23 37.02 1.11
C ARG A 260 8.89 36.39 1.46
N ALA A 261 7.80 36.95 0.92
CA ALA A 261 6.47 36.42 1.23
C ALA A 261 6.31 34.99 0.71
N ALA A 262 6.76 34.72 -0.52
CA ALA A 262 6.66 33.38 -1.06
C ALA A 262 7.57 32.41 -0.31
N ALA A 263 8.75 32.86 0.10
CA ALA A 263 9.64 32.02 0.90
C ALA A 263 9.00 31.71 2.25
N LEU A 264 8.39 32.71 2.88
CA LEU A 264 7.74 32.48 4.17
C LEU A 264 6.55 31.54 4.03
N ASP A 265 5.77 31.70 2.95
CA ASP A 265 4.61 30.83 2.75
C ASP A 265 5.02 29.37 2.59
N ALA A 266 6.08 29.12 1.83
CA ALA A 266 6.56 27.75 1.68
C ALA A 266 7.08 27.19 3.01
N GLN A 267 7.72 28.04 3.81
CA GLN A 267 8.22 27.59 5.10
C GLN A 267 7.07 27.18 6.02
N LYS A 268 5.98 27.95 6.01
CA LYS A 268 4.82 27.60 6.83
C LYS A 268 4.22 26.26 6.41
N ALA A 269 4.12 26.02 5.11
CA ALA A 269 3.58 24.77 4.60
C ALA A 269 4.70 23.82 4.20
N SER A 274 10.86 11.29 11.06
CA SER A 274 10.96 11.93 9.76
C SER A 274 11.84 13.18 9.82
N PRO A 275 12.94 13.18 9.07
CA PRO A 275 13.82 14.35 9.02
C PRO A 275 13.34 15.46 8.09
N GLU A 276 12.22 15.25 7.39
CA GLU A 276 11.74 16.25 6.44
C GLU A 276 11.40 17.56 7.14
N MET A 277 10.68 17.47 8.26
CA MET A 277 10.27 18.69 8.97
C MET A 277 11.47 19.46 9.49
N LYS A 278 12.46 18.77 10.05
CA LYS A 278 13.64 19.45 10.56
C LYS A 278 14.49 20.03 9.43
N ASP A 279 14.78 19.20 8.42
CA ASP A 279 15.67 19.65 7.35
C ASP A 279 15.07 20.81 6.56
N PHE A 280 13.78 20.71 6.22
CA PHE A 280 13.17 21.77 5.44
C PHE A 280 13.06 23.07 6.23
N ARG A 281 12.73 22.98 7.52
CA ARG A 281 12.60 24.19 8.32
C ARG A 281 13.92 24.95 8.42
N HIS A 282 15.02 24.23 8.68
CA HIS A 282 16.32 24.90 8.74
C HIS A 282 16.74 25.41 7.37
N GLY A 283 16.38 24.70 6.31
CA GLY A 283 16.71 25.17 4.97
C GLY A 283 16.05 26.50 4.64
N PHE A 284 14.79 26.67 5.04
CA PHE A 284 14.10 27.93 4.77
C PHE A 284 14.58 29.03 5.69
N ASP A 285 15.17 28.69 6.83
CA ASP A 285 15.75 29.72 7.70
C ASP A 285 16.91 30.42 7.01
N ILE A 286 17.76 29.66 6.32
CA ILE A 286 18.87 30.25 5.58
C ILE A 286 18.36 31.11 4.43
N LEU A 287 17.35 30.62 3.71
CA LEU A 287 16.81 31.36 2.57
C LEU A 287 16.22 32.69 3.00
N VAL A 288 15.48 32.70 4.11
CA VAL A 288 14.92 33.96 4.61
C VAL A 288 16.02 34.92 5.03
N GLY A 289 17.06 34.41 5.70
CA GLY A 289 18.16 35.27 6.08
C GLY A 289 18.87 35.87 4.89
N GLN A 290 19.09 35.07 3.85
CA GLN A 290 19.68 35.59 2.62
C GLN A 290 18.77 36.63 1.98
N ILE A 291 17.46 36.42 2.06
CA ILE A 291 16.52 37.38 1.49
C ILE A 291 16.61 38.71 2.24
N ASP A 292 16.66 38.65 3.57
CA ASP A 292 16.76 39.87 4.37
C ASP A 292 18.05 40.63 4.08
N ASP A 293 19.17 39.91 3.90
CA ASP A 293 20.42 40.56 3.53
C ASP A 293 20.27 41.25 2.18
N ALA A 294 19.50 40.67 1.26
CA ALA A 294 19.22 41.33 -0.01
C ALA A 294 18.35 42.57 0.18
N LEU A 295 17.43 42.52 1.14
CA LEU A 295 16.59 43.68 1.43
C LEU A 295 17.39 44.80 2.08
N LYS A 296 18.47 44.45 2.80
CA LYS A 296 19.38 45.41 3.40
C LYS A 296 18.70 46.30 4.43
N LEU A 297 19.47 47.24 5.01
CA LEU A 297 18.93 48.31 5.82
C LEU A 297 19.36 49.69 5.36
N ALA A 298 20.36 49.78 4.47
CA ALA A 298 20.74 51.02 3.82
C ALA A 298 20.46 50.85 2.33
N ASN A 299 19.31 51.38 1.89
CA ASN A 299 18.81 51.09 0.56
C ASN A 299 19.55 51.93 -0.49
N GLU A 300 18.99 51.97 -1.70
CA GLU A 300 19.66 52.42 -2.92
C GLU A 300 20.82 51.50 -3.27
N GLY A 301 20.75 50.22 -2.90
CA GLY A 301 21.88 49.33 -3.07
C GLY A 301 22.25 49.11 -4.52
N LYS A 302 21.26 48.89 -5.38
CA LYS A 302 21.51 48.65 -6.81
C LYS A 302 22.47 47.49 -7.00
N VAL A 303 23.73 47.81 -7.31
CA VAL A 303 24.69 46.79 -7.72
C VAL A 303 25.47 46.20 -6.55
N LYS A 304 25.80 47.00 -5.53
CA LYS A 304 26.88 46.61 -4.61
C LYS A 304 26.53 45.36 -3.81
N GLU A 305 25.27 45.22 -3.41
CA GLU A 305 24.89 43.98 -2.75
C GLU A 305 23.56 43.39 -3.21
N ALA A 306 22.69 44.14 -3.89
CA ALA A 306 21.43 43.57 -4.34
C ALA A 306 21.66 42.49 -5.40
N GLN A 307 22.55 42.75 -6.36
CA GLN A 307 22.88 41.73 -7.35
C GLN A 307 23.75 40.63 -6.74
N ALA A 308 24.65 41.00 -5.82
CA ALA A 308 25.51 39.99 -5.19
C ALA A 308 24.69 39.03 -4.35
N ALA A 309 23.73 39.55 -3.58
CA ALA A 309 22.88 38.67 -2.78
C ALA A 309 21.93 37.88 -3.67
N ALA A 310 21.55 38.45 -4.81
CA ALA A 310 20.72 37.71 -5.76
C ALA A 310 21.44 36.48 -6.30
N GLU A 311 22.73 36.60 -6.58
CA GLU A 311 23.50 35.47 -7.08
C GLU A 311 23.55 34.35 -6.05
N GLN A 312 23.69 34.70 -4.77
CA GLN A 312 23.70 33.68 -3.72
C GLN A 312 22.37 32.96 -3.64
N LEU A 313 21.27 33.66 -3.89
CA LEU A 313 19.96 33.01 -3.94
C LEU A 313 19.92 31.97 -5.04
N LYS A 314 20.61 32.22 -6.15
CA LYS A 314 20.66 31.25 -7.23
C LYS A 314 21.33 29.96 -6.77
N THR A 315 22.34 30.07 -5.90
CA THR A 315 22.95 28.88 -5.33
C THR A 315 21.99 28.16 -4.39
N THR A 316 21.19 28.92 -3.62
CA THR A 316 20.29 28.31 -2.65
C THR A 316 19.25 27.44 -3.33
N ARG A 317 18.56 27.98 -4.34
CA ARG A 317 17.55 27.19 -5.03
C ARG A 317 18.17 26.06 -5.84
N ASN A 318 19.37 26.27 -6.38
CA ASN A 318 20.07 25.18 -7.06
C ASN A 318 20.43 24.06 -6.09
N ALA A 319 20.69 24.40 -4.83
CA ALA A 319 20.99 23.42 -3.80
C ALA A 319 19.77 22.96 -3.03
N TYR A 320 18.59 23.51 -3.35
CA TYR A 320 17.34 23.09 -2.73
C TYR A 320 16.56 22.13 -3.62
N ILE A 321 16.68 22.28 -4.94
CA ILE A 321 15.97 21.44 -5.90
C ILE A 321 16.35 20.00 -5.65
N GLN A 322 17.63 19.75 -5.37
CA GLN A 322 18.12 18.39 -5.11
C GLN A 322 17.37 17.75 -3.95
N LYS A 323 17.21 18.47 -2.84
CA LYS A 323 16.45 17.93 -1.72
C LYS A 323 14.96 17.84 -2.02
N TYR A 324 14.41 18.84 -2.70
CA TYR A 324 12.99 18.85 -2.98
C TYR A 324 12.60 17.77 -3.99
N LEU A 325 13.40 17.62 -5.05
CA LEU A 325 13.13 16.58 -6.04
C LEU A 325 13.28 15.20 -5.43
N LYS A 326 14.27 15.03 -4.54
CA LYS A 326 14.47 13.74 -3.88
C LYS A 326 13.25 13.37 -3.05
N PHE A 327 12.69 14.33 -2.30
CA PHE A 327 11.54 14.04 -1.47
C PHE A 327 10.31 13.77 -2.31
N CYS A 328 10.09 14.56 -3.37
CA CYS A 328 8.95 14.33 -4.25
C CYS A 328 9.07 12.99 -4.97
N LEU A 329 10.28 12.67 -5.44
CA LEU A 329 10.49 11.37 -6.07
C LEU A 329 10.28 10.23 -5.08
N LYS A 330 10.73 10.42 -3.83
CA LYS A 330 10.56 9.38 -2.82
C LYS A 330 9.08 9.11 -2.54
N GLU A 331 8.29 10.18 -2.43
CA GLU A 331 6.86 10.03 -2.19
C GLU A 331 6.16 9.41 -3.38
N HIS A 332 6.49 9.85 -4.59
CA HIS A 332 5.89 9.29 -5.79
C HIS A 332 6.37 7.87 -6.03
N LYS A 333 7.43 7.45 -5.34
CA LYS A 333 7.88 6.05 -5.38
C LYS A 333 7.18 5.25 -4.29
N ALA A 334 7.15 5.80 -3.07
CA ALA A 334 6.49 5.13 -1.95
C ALA A 334 5.00 4.96 -2.22
N LEU A 335 4.36 6.00 -2.75
CA LEU A 335 2.94 5.89 -3.07
C LEU A 335 2.71 4.89 -4.21
N LYS A 336 3.55 4.94 -5.25
CA LYS A 336 3.39 4.00 -6.36
C LYS A 336 3.74 2.58 -5.95
N THR A 337 4.63 2.41 -4.97
CA THR A 337 4.90 1.08 -4.45
C THR A 337 3.65 0.50 -3.80
N LEU A 338 2.95 1.31 -3.01
CA LEU A 338 1.67 0.87 -2.46
C LEU A 338 0.60 0.77 -3.55
N GLY A 339 0.71 1.60 -4.57
CA GLY A 339 -0.22 1.50 -5.69
C GLY A 339 -0.05 0.20 -6.46
N ILE A 340 1.18 -0.29 -6.57
CA ILE A 340 1.40 -1.57 -7.25
C ILE A 340 0.83 -2.71 -6.42
N ILE A 341 1.03 -2.68 -5.11
CA ILE A 341 0.48 -3.73 -4.24
C ILE A 341 -1.04 -3.73 -4.30
N MET A 342 -1.64 -2.56 -4.19
CA MET A 342 -3.09 -2.45 -4.30
C MET A 342 -3.57 -2.71 -5.72
N GLY A 343 -2.66 -2.76 -6.69
CA GLY A 343 -3.02 -3.11 -8.05
C GLY A 343 -2.76 -4.57 -8.34
N THR A 344 -1.68 -5.11 -7.77
CA THR A 344 -1.40 -6.53 -7.94
C THR A 344 -2.48 -7.39 -7.29
N PHE A 345 -2.99 -6.94 -6.13
CA PHE A 345 -4.05 -7.69 -5.46
C PHE A 345 -5.32 -7.74 -6.31
N THR A 346 -5.69 -6.61 -6.91
CA THR A 346 -6.88 -6.59 -7.75
C THR A 346 -6.70 -7.46 -8.99
N LEU A 347 -5.57 -7.30 -9.69
CA LEU A 347 -5.36 -8.04 -10.93
C LEU A 347 -5.17 -9.53 -10.71
N CYS A 348 -4.98 -9.98 -9.47
CA CYS A 348 -4.83 -11.41 -9.19
C CYS A 348 -6.11 -12.03 -8.65
N TRP A 349 -6.84 -11.33 -7.78
CA TRP A 349 -8.01 -11.90 -7.14
C TRP A 349 -9.32 -11.59 -7.85
N LEU A 350 -9.42 -10.43 -8.50
CA LEU A 350 -10.63 -10.11 -9.25
C LEU A 350 -11.00 -11.17 -10.31
N PRO A 351 -10.05 -11.76 -11.05
CA PRO A 351 -10.45 -12.85 -11.97
C PRO A 351 -11.17 -13.99 -11.27
N PHE A 352 -10.77 -14.32 -10.03
CA PHE A 352 -11.47 -15.37 -9.30
C PHE A 352 -12.85 -14.91 -8.84
N PHE A 353 -12.94 -13.70 -8.29
CA PHE A 353 -14.21 -13.21 -7.77
C PHE A 353 -15.18 -12.82 -8.88
N ILE A 354 -14.70 -12.58 -10.10
CA ILE A 354 -15.60 -12.37 -11.22
C ILE A 354 -16.15 -13.69 -11.74
N VAL A 355 -15.54 -14.81 -11.35
CA VAL A 355 -16.05 -16.12 -11.74
C VAL A 355 -17.08 -16.64 -10.74
N ASN A 356 -16.90 -16.37 -9.45
CA ASN A 356 -17.86 -16.83 -8.46
C ASN A 356 -19.24 -16.24 -8.70
N ILE A 357 -19.31 -15.00 -9.16
CA ILE A 357 -20.59 -14.41 -9.55
C ILE A 357 -21.18 -15.11 -10.77
N VAL A 358 -20.35 -15.68 -11.65
CA VAL A 358 -20.88 -16.40 -12.79
C VAL A 358 -21.52 -17.71 -12.35
N HIS A 359 -20.90 -18.40 -11.39
CA HIS A 359 -21.38 -19.71 -10.96
C HIS A 359 -22.78 -19.69 -10.36
N VAL A 360 -23.27 -18.52 -9.92
CA VAL A 360 -24.60 -18.42 -9.33
C VAL A 360 -25.62 -17.96 -10.37
N ILE A 361 -25.25 -17.02 -11.25
CA ILE A 361 -26.19 -16.54 -12.25
C ILE A 361 -26.51 -17.63 -13.26
N GLN A 362 -25.51 -18.43 -13.64
CA GLN A 362 -25.72 -19.53 -14.58
C GLN A 362 -24.54 -20.49 -14.47
N ASP A 363 -24.83 -21.75 -14.18
CA ASP A 363 -23.78 -22.75 -14.03
C ASP A 363 -23.43 -23.35 -15.39
N ASN A 364 -22.63 -24.42 -15.39
CA ASN A 364 -22.14 -25.14 -16.56
C ASN A 364 -21.25 -24.31 -17.46
N LEU A 365 -21.01 -23.04 -17.13
CA LEU A 365 -20.11 -22.22 -17.94
C LEU A 365 -18.64 -22.55 -17.66
N ILE A 366 -18.31 -22.82 -16.41
CA ILE A 366 -16.93 -23.09 -15.98
C ILE A 366 -16.90 -24.42 -15.25
N ARG A 367 -16.03 -25.32 -15.70
CA ARG A 367 -15.80 -26.59 -15.02
C ARG A 367 -14.73 -26.40 -13.96
N LYS A 368 -14.44 -27.47 -13.22
CA LYS A 368 -13.51 -27.37 -12.10
C LYS A 368 -12.07 -27.53 -12.56
N GLU A 369 -11.69 -26.82 -13.62
CA GLU A 369 -10.31 -26.76 -14.08
C GLU A 369 -9.75 -25.34 -14.07
N VAL A 370 -10.48 -24.37 -14.63
CA VAL A 370 -10.01 -22.99 -14.60
C VAL A 370 -10.49 -22.30 -13.33
N TYR A 371 -11.50 -22.87 -12.67
CA TYR A 371 -11.87 -22.39 -11.34
C TYR A 371 -10.73 -22.61 -10.35
N ILE A 372 -10.09 -23.78 -10.43
CA ILE A 372 -8.92 -24.04 -9.59
C ILE A 372 -7.76 -23.14 -10.02
N LEU A 373 -7.56 -23.00 -11.33
CA LEU A 373 -6.45 -22.18 -11.83
C LEU A 373 -6.64 -20.71 -11.45
N LEU A 374 -7.83 -20.17 -11.69
CA LEU A 374 -8.07 -18.76 -11.35
C LEU A 374 -8.03 -18.55 -9.85
N ASN A 375 -8.51 -19.50 -9.06
CA ASN A 375 -8.36 -19.42 -7.61
C ASN A 375 -6.89 -19.40 -7.23
N TRP A 376 -6.09 -20.28 -7.84
CA TRP A 376 -4.68 -20.36 -7.49
C TRP A 376 -3.90 -19.13 -7.91
N ILE A 377 -4.46 -18.27 -8.76
CA ILE A 377 -3.81 -17.01 -9.08
C ILE A 377 -3.69 -16.14 -7.84
N GLY A 378 -4.78 -16.04 -7.07
CA GLY A 378 -4.71 -15.30 -5.82
C GLY A 378 -3.79 -15.95 -4.81
N TYR A 379 -3.69 -17.27 -4.85
CA TYR A 379 -2.77 -17.98 -3.95
C TYR A 379 -1.32 -17.57 -4.22
N VAL A 380 -0.96 -17.42 -5.49
CA VAL A 380 0.39 -17.00 -5.85
C VAL A 380 0.64 -15.57 -5.39
N ASN A 381 -0.40 -14.73 -5.37
CA ASN A 381 -0.24 -13.32 -5.05
C ASN A 381 0.39 -13.10 -3.69
N SER A 382 0.21 -14.06 -2.77
CA SER A 382 0.77 -13.93 -1.43
C SER A 382 2.28 -13.84 -1.43
N GLY A 383 2.95 -14.24 -2.51
CA GLY A 383 4.39 -14.10 -2.61
C GLY A 383 4.88 -12.89 -3.36
N PHE A 384 4.00 -12.17 -4.05
CA PHE A 384 4.39 -10.98 -4.80
C PHE A 384 4.60 -9.76 -3.93
N ASN A 385 4.02 -9.73 -2.73
CA ASN A 385 4.17 -8.56 -1.87
C ASN A 385 5.61 -8.27 -1.49
N PRO A 386 6.40 -9.23 -0.98
CA PRO A 386 7.78 -8.89 -0.59
C PRO A 386 8.63 -8.41 -1.74
N LEU A 387 8.43 -8.93 -2.95
CA LEU A 387 9.21 -8.47 -4.09
C LEU A 387 8.92 -7.01 -4.41
N ILE A 388 7.65 -6.61 -4.32
CA ILE A 388 7.29 -5.21 -4.55
C ILE A 388 7.88 -4.32 -3.47
N TYR A 389 7.98 -4.83 -2.24
CA TYR A 389 8.60 -4.06 -1.16
C TYR A 389 10.06 -3.77 -1.47
N SER A 390 10.77 -4.71 -2.10
CA SER A 390 12.18 -4.50 -2.43
C SER A 390 12.38 -3.33 -3.37
N ARG A 391 11.33 -2.91 -4.08
CA ARG A 391 11.43 -1.72 -4.92
C ARG A 391 11.71 -0.47 -4.08
N SER A 392 11.08 -0.38 -2.91
CA SER A 392 11.33 0.76 -2.03
C SER A 392 12.73 0.67 -1.44
N PRO A 393 13.56 1.70 -1.59
CA PRO A 393 14.93 1.63 -1.06
C PRO A 393 15.00 1.41 0.44
N ASP A 394 14.02 1.92 1.20
CA ASP A 394 14.03 1.71 2.64
C ASP A 394 13.91 0.23 2.99
N PHE A 395 13.04 -0.49 2.29
CA PHE A 395 12.89 -1.93 2.55
C PHE A 395 14.07 -2.73 2.02
N ARG A 396 14.63 -2.31 0.88
CA ARG A 396 15.72 -3.06 0.27
C ARG A 396 16.94 -3.10 1.18
N ILE A 397 17.27 -1.96 1.81
CA ILE A 397 18.41 -1.92 2.72
C ILE A 397 18.16 -2.83 3.92
N ALA A 398 16.93 -2.83 4.45
CA ALA A 398 16.60 -3.72 5.56
C ALA A 398 16.72 -5.18 5.15
N PHE A 399 16.31 -5.52 3.93
CA PHE A 399 16.45 -6.89 3.45
C PHE A 399 17.91 -7.28 3.33
N GLN A 400 18.73 -6.39 2.76
CA GLN A 400 20.14 -6.71 2.54
C GLN A 400 20.87 -6.87 3.87
N GLU A 401 20.61 -5.99 4.83
CA GLU A 401 21.24 -6.06 6.14
C GLU A 401 20.65 -7.14 7.03
N LEU A 402 19.76 -7.98 6.49
CA LEU A 402 19.20 -9.10 7.22
C LEU A 402 19.56 -10.45 6.64
N LEU A 403 19.89 -10.53 5.35
CA LEU A 403 20.29 -11.79 4.74
C LEU A 403 21.76 -12.07 4.98
C1 JTZ B . -10.74 -23.39 -1.05
N1 JTZ B . -11.12 -21.09 -0.98
O1 JTZ B . -10.09 -18.94 -0.65
C2 JTZ B . -11.76 -22.31 -1.31
O2 JTZ B . -12.51 -17.87 -1.64
C3 JTZ B . -12.13 -22.24 -2.79
C4 JTZ B . -11.68 -20.09 -1.83
C5 JTZ B . -10.62 -19.03 -1.93
C6 JTZ B . -11.25 -17.70 -2.17
C7 JTZ B . -12.99 -16.78 -0.95
C8 JTZ B . -12.11 -15.81 -0.56
C9 JTZ B . -12.57 -14.73 0.12
C10 JTZ B . -13.88 -14.63 0.43
C11 JTZ B . -14.75 -15.60 0.03
C12 JTZ B . -14.30 -16.68 -0.65
C13 JTZ B . -15.26 -17.76 -1.09
C14 JTZ B . -15.85 -17.43 -2.45
C15 JTZ B . -16.71 -16.45 -2.54
#